data_1I6U
#
_entry.id   1I6U
#
_cell.length_a   121.687
_cell.length_b   121.687
_cell.length_c   137.975
_cell.angle_alpha   90.00
_cell.angle_beta   90.00
_cell.angle_gamma   90.00
#
_symmetry.space_group_name_H-M   'P 43 21 2'
#
loop_
_entity.id
_entity.type
_entity.pdbx_description
1 polymer '16S RRNA FRAGMENT'
2 polymer '30S RIBOSOMAL PROTEIN S8P'
3 non-polymer 'SULFATE ION'
4 water water
#
loop_
_entity_poly.entity_id
_entity_poly.type
_entity_poly.pdbx_seq_one_letter_code
_entity_poly.pdbx_strand_id
1 'polyribonucleotide' GGGCCCGGUAAGUCUCUUCGGAGAUACUGCCGGGCCC C,D
2 'polypeptide(L)'
;MSLMDPLANALNHISNCERVGKKVVYIKPASKLIGRVLKV(MSE)QDNGYIGEFEFIEDGRAGIFKVELIGKINKCGAIK
PRFPVKKFGYEKFEKRYLPARDFGILIVSTTQGV(MSE)SHEEAKKRGLGGRLLAYVY
;
A,B
#
# COMPACT_ATOMS: atom_id res chain seq x y z
N SER C 2 -9.77 -8.07 15.78
CA SER C 2 -9.14 -8.64 14.54
C SER C 2 -7.93 -9.51 14.89
N LEU C 3 -7.74 -10.61 14.16
CA LEU C 3 -6.61 -11.48 14.39
C LEU C 3 -5.32 -10.89 13.84
N MET C 4 -4.21 -11.23 14.49
CA MET C 4 -2.90 -10.75 14.07
C MET C 4 -2.50 -11.51 12.80
N ASP C 5 -1.76 -10.88 11.91
CA ASP C 5 -1.36 -11.55 10.68
C ASP C 5 -0.65 -12.87 10.95
N PRO C 6 -0.91 -13.86 10.09
CA PRO C 6 -0.34 -15.22 10.16
C PRO C 6 1.12 -15.33 10.58
N LEU C 7 2.00 -14.65 9.87
CA LEU C 7 3.43 -14.72 10.19
C LEU C 7 3.75 -14.11 11.53
N ALA C 8 3.15 -12.96 11.82
CA ALA C 8 3.38 -12.31 13.10
C ALA C 8 2.96 -13.27 14.19
N ASN C 9 1.77 -13.84 14.02
CA ASN C 9 1.20 -14.79 14.96
C ASN C 9 2.11 -15.99 15.19
N ALA C 10 2.62 -16.55 14.11
CA ALA C 10 3.49 -17.70 14.22
C ALA C 10 4.73 -17.34 15.03
N LEU C 11 5.33 -16.20 14.71
CA LEU C 11 6.54 -15.79 15.41
C LEU C 11 6.28 -15.46 16.87
N ASN C 12 5.09 -14.95 17.19
CA ASN C 12 4.78 -14.66 18.59
C ASN C 12 4.70 -15.95 19.39
N HIS C 13 3.95 -16.93 18.89
CA HIS C 13 3.82 -18.19 19.61
C HIS C 13 5.17 -18.84 19.82
N ILE C 14 5.96 -18.96 18.77
CA ILE C 14 7.28 -19.56 18.89
C ILE C 14 8.07 -18.83 19.97
N SER C 15 8.11 -17.52 19.87
CA SER C 15 8.83 -16.70 20.83
C SER C 15 8.49 -17.10 22.25
N ASN C 16 7.20 -17.03 22.59
CA ASN C 16 6.73 -17.37 23.93
C ASN C 16 6.89 -18.81 24.38
N CYS C 17 6.55 -19.76 23.52
CA CYS C 17 6.70 -21.15 23.91
C CYS C 17 8.17 -21.48 24.09
N GLU C 18 9.03 -20.68 23.48
CA GLU C 18 10.47 -20.87 23.61
C GLU C 18 10.87 -20.31 24.97
N ARG C 19 10.33 -19.15 25.29
CA ARG C 19 10.62 -18.51 26.57
C ARG C 19 10.15 -19.37 27.73
N VAL C 20 8.92 -19.87 27.65
CA VAL C 20 8.34 -20.71 28.69
C VAL C 20 9.06 -22.06 28.78
N GLY C 21 9.92 -22.35 27.81
CA GLY C 21 10.66 -23.59 27.82
C GLY C 21 9.99 -24.80 27.20
N LYS C 22 8.90 -24.60 26.48
CA LYS C 22 8.20 -25.71 25.83
C LYS C 22 9.10 -26.35 24.78
N LYS C 23 8.92 -27.64 24.55
CA LYS C 23 9.73 -28.36 23.57
C LYS C 23 9.04 -28.44 22.21
N VAL C 24 7.86 -27.83 22.11
CA VAL C 24 7.10 -27.86 20.87
C VAL C 24 5.97 -26.84 20.83
N VAL C 25 5.57 -26.49 19.62
CA VAL C 25 4.48 -25.53 19.42
C VAL C 25 3.79 -25.88 18.10
N TYR C 26 2.48 -25.66 18.05
CA TYR C 26 1.73 -25.92 16.83
C TYR C 26 1.25 -24.57 16.31
N ILE C 27 1.69 -24.22 15.10
CA ILE C 27 1.32 -22.93 14.49
C ILE C 27 0.16 -23.14 13.55
N LYS C 28 -0.95 -22.43 13.81
CA LYS C 28 -2.15 -22.60 12.99
C LYS C 28 -2.10 -22.21 11.52
N PRO C 29 -2.33 -20.93 11.17
CA PRO C 29 -2.27 -20.67 9.72
C PRO C 29 -0.91 -21.14 9.24
N ALA C 30 -0.88 -22.03 8.25
CA ALA C 30 0.37 -22.57 7.75
C ALA C 30 0.67 -22.24 6.28
N SER C 31 0.92 -20.97 6.01
CA SER C 31 1.22 -20.53 4.65
C SER C 31 2.59 -20.98 4.15
N LYS C 32 2.77 -20.92 2.84
CA LYS C 32 4.04 -21.28 2.23
C LYS C 32 5.07 -20.29 2.77
N LEU C 33 4.65 -19.05 2.96
CA LEU C 33 5.53 -18.01 3.47
C LEU C 33 6.08 -18.42 4.83
N ILE C 34 5.20 -18.84 5.73
CA ILE C 34 5.60 -19.26 7.07
C ILE C 34 6.58 -20.44 6.98
N GLY C 35 6.26 -21.40 6.13
CA GLY C 35 7.14 -22.54 5.99
C GLY C 35 8.51 -22.08 5.55
N ARG C 36 8.54 -21.19 4.56
CA ARG C 36 9.79 -20.68 4.05
C ARG C 36 10.57 -19.94 5.14
N VAL C 37 9.88 -19.25 6.03
CA VAL C 37 10.55 -18.53 7.10
C VAL C 37 11.14 -19.51 8.11
N LEU C 38 10.39 -20.57 8.40
CA LEU C 38 10.83 -21.59 9.35
C LEU C 38 12.06 -22.31 8.84
N LYS C 39 12.14 -22.48 7.52
CA LYS C 39 13.27 -23.16 6.91
C LYS C 39 14.54 -22.38 7.17
N VAL C 40 14.42 -21.06 7.15
CA VAL C 40 15.56 -20.17 7.40
C VAL C 40 15.98 -20.27 8.87
N GLN C 42 15.53 -22.66 10.77
CA GLN C 42 16.09 -23.96 11.00
C GLN C 42 17.54 -24.01 10.53
N ASP C 43 17.76 -23.71 9.27
CA ASP C 43 19.09 -23.71 8.70
C ASP C 43 20.07 -22.85 9.50
N ASN C 44 19.55 -22.07 10.43
CA ASN C 44 20.37 -21.21 11.26
C ASN C 44 20.42 -21.63 12.71
N GLY C 45 19.97 -22.87 12.97
CA GLY C 45 19.98 -23.42 14.31
C GLY C 45 19.11 -22.77 15.35
N TYR C 46 18.07 -22.06 14.94
CA TYR C 46 17.19 -21.41 15.90
C TYR C 46 15.98 -22.28 16.30
N ILE C 47 15.72 -23.33 15.53
CA ILE C 47 14.62 -24.26 15.82
C ILE C 47 15.00 -25.62 15.29
N GLY C 48 14.37 -26.65 15.83
CA GLY C 48 14.67 -28.00 15.39
C GLY C 48 13.82 -28.38 14.20
N GLU C 49 13.31 -29.61 14.20
CA GLU C 49 12.47 -30.06 13.10
C GLU C 49 11.10 -29.39 13.13
N PHE C 50 10.43 -29.43 11.99
CA PHE C 50 9.08 -28.87 11.90
C PHE C 50 8.41 -29.59 10.74
N GLU C 51 7.10 -29.79 10.85
CA GLU C 51 6.39 -30.49 9.80
C GLU C 51 4.99 -29.95 9.51
N PHE C 52 4.60 -30.08 8.25
CA PHE C 52 3.29 -29.65 7.80
C PHE C 52 2.31 -30.75 8.18
N ILE C 53 1.23 -30.37 8.86
CA ILE C 53 0.21 -31.32 9.26
C ILE C 53 -1.07 -30.94 8.55
N GLU C 54 -1.49 -31.78 7.61
CA GLU C 54 -2.72 -31.53 6.86
C GLU C 54 -3.95 -31.59 7.77
N ASP C 55 -4.80 -30.56 7.70
CA ASP C 55 -5.99 -30.53 8.54
C ASP C 55 -7.24 -30.13 7.75
N GLY C 56 -7.11 -30.08 6.42
CA GLY C 56 -8.22 -29.72 5.58
C GLY C 56 -8.40 -28.22 5.44
N ARG C 57 -7.72 -27.45 6.27
CA ARG C 57 -7.86 -26.01 6.20
C ARG C 57 -6.59 -25.38 5.63
N ALA C 58 -5.95 -24.51 6.39
CA ALA C 58 -4.71 -23.87 5.92
C ALA C 58 -3.50 -24.73 6.27
N GLY C 59 -3.74 -25.78 7.06
CA GLY C 59 -2.66 -26.65 7.47
C GLY C 59 -2.14 -26.24 8.84
N ILE C 60 -1.20 -27.01 9.36
CA ILE C 60 -0.64 -26.69 10.66
C ILE C 60 0.84 -27.01 10.68
N PHE C 61 1.60 -26.20 11.41
CA PHE C 61 3.02 -26.44 11.51
C PHE C 61 3.37 -26.87 12.91
N LYS C 62 3.99 -28.04 13.00
CA LYS C 62 4.44 -28.57 14.28
C LYS C 62 5.90 -28.20 14.31
N VAL C 63 6.27 -27.31 15.24
CA VAL C 63 7.65 -26.87 15.33
C VAL C 63 8.34 -27.33 16.60
N GLU C 64 9.48 -28.00 16.44
CA GLU C 64 10.27 -28.46 17.58
C GLU C 64 11.13 -27.31 18.10
N LEU C 65 10.82 -26.85 19.31
CA LEU C 65 11.61 -25.77 19.92
C LEU C 65 12.83 -26.37 20.61
N ILE C 66 13.92 -25.61 20.66
CA ILE C 66 15.15 -26.11 21.27
C ILE C 66 15.90 -25.09 22.13
N GLY C 67 15.15 -24.16 22.72
CA GLY C 67 15.77 -23.15 23.57
C GLY C 67 16.99 -22.48 22.99
N LYS C 68 16.92 -22.09 21.72
CA LYS C 68 18.01 -21.41 21.03
C LYS C 68 17.59 -19.98 20.71
N ILE C 69 16.32 -19.67 20.90
CA ILE C 69 15.80 -18.35 20.60
C ILE C 69 15.68 -17.51 21.85
N ASN C 70 16.07 -16.25 21.76
CA ASN C 70 15.98 -15.32 22.89
C ASN C 70 14.84 -14.35 22.61
N LYS C 71 14.43 -14.31 21.36
CA LYS C 71 13.34 -13.45 20.93
C LYS C 71 13.24 -13.44 19.41
N CYS C 72 12.02 -13.33 18.90
CA CYS C 72 11.81 -13.27 17.46
C CYS C 72 10.45 -12.65 17.21
N GLY C 73 10.29 -12.02 16.05
CA GLY C 73 9.04 -11.38 15.72
C GLY C 73 8.99 -10.91 14.28
N ALA C 74 7.83 -10.40 13.88
CA ALA C 74 7.66 -9.91 12.52
C ALA C 74 8.10 -8.47 12.48
N ILE C 75 8.63 -8.04 11.35
CA ILE C 75 9.03 -6.65 11.18
C ILE C 75 7.91 -6.02 10.38
N LYS C 76 7.33 -4.94 10.91
CA LYS C 76 6.23 -4.26 10.25
C LYS C 76 6.43 -2.75 10.21
N PRO C 77 6.25 -2.12 9.04
CA PRO C 77 5.89 -2.76 7.77
C PRO C 77 7.06 -3.56 7.27
N ARG C 78 6.83 -4.28 6.17
CA ARG C 78 7.89 -5.07 5.57
C ARG C 78 8.72 -4.13 4.70
N PHE C 79 9.61 -3.40 5.37
CA PHE C 79 10.50 -2.43 4.73
C PHE C 79 11.33 -2.97 3.58
N PRO C 80 11.44 -2.18 2.51
CA PRO C 80 12.24 -2.61 1.36
C PRO C 80 13.69 -2.27 1.73
N VAL C 81 14.64 -3.10 1.31
CA VAL C 81 16.04 -2.87 1.63
C VAL C 81 16.94 -3.16 0.44
N LYS C 82 17.91 -2.29 0.19
CA LYS C 82 18.84 -2.48 -0.93
C LYS C 82 19.97 -3.41 -0.52
N LYS C 83 20.77 -3.85 -1.50
CA LYS C 83 21.86 -4.79 -1.25
C LYS C 83 22.88 -4.36 -0.19
N PHE C 84 22.93 -3.07 0.12
CA PHE C 84 23.87 -2.57 1.13
C PHE C 84 23.16 -1.75 2.19
N GLY C 85 21.87 -1.97 2.37
CA GLY C 85 21.13 -1.20 3.36
C GLY C 85 20.70 -1.99 4.58
N TYR C 86 21.35 -3.12 4.84
CA TYR C 86 21.00 -3.96 5.97
C TYR C 86 21.51 -3.49 7.33
N GLU C 87 22.74 -3.02 7.37
CA GLU C 87 23.33 -2.56 8.63
C GLU C 87 22.36 -1.71 9.43
N LYS C 88 21.75 -0.73 8.78
CA LYS C 88 20.81 0.15 9.45
C LYS C 88 19.72 -0.66 10.15
N PHE C 89 19.28 -1.73 9.50
CA PHE C 89 18.24 -2.56 10.08
C PHE C 89 18.78 -3.52 11.13
N GLU C 90 20.00 -3.99 10.94
CA GLU C 90 20.59 -4.89 11.93
C GLU C 90 20.69 -4.16 13.28
N LYS C 91 21.03 -2.88 13.25
CA LYS C 91 21.15 -2.13 14.50
C LYS C 91 19.78 -1.91 15.12
N ARG C 92 18.77 -1.80 14.27
CA ARG C 92 17.41 -1.57 14.74
C ARG C 92 16.68 -2.78 15.31
N TYR C 93 16.97 -3.97 14.81
CA TYR C 93 16.26 -5.16 15.28
C TYR C 93 17.07 -6.23 16.00
N LEU C 94 18.38 -6.17 15.92
CA LEU C 94 19.21 -7.15 16.61
C LEU C 94 19.96 -6.41 17.71
N PRO C 95 19.29 -6.17 18.85
CA PRO C 95 19.86 -5.46 20.01
C PRO C 95 21.23 -5.96 20.40
N ALA C 96 21.53 -7.21 20.05
CA ALA C 96 22.81 -7.78 20.40
C ALA C 96 23.74 -7.86 19.21
N ARG C 97 24.79 -7.05 19.22
CA ARG C 97 25.77 -7.07 18.14
C ARG C 97 26.41 -8.46 18.10
N ASP C 98 26.55 -9.02 16.91
CA ASP C 98 27.16 -10.35 16.72
C ASP C 98 26.16 -11.51 16.80
N PHE C 99 24.92 -11.21 17.14
CA PHE C 99 23.91 -12.26 17.26
C PHE C 99 22.63 -12.01 16.49
N GLY C 100 22.10 -13.07 15.88
CA GLY C 100 20.85 -12.96 15.17
C GLY C 100 20.90 -12.77 13.68
N ILE C 101 19.74 -12.89 13.04
CA ILE C 101 19.62 -12.71 11.61
C ILE C 101 18.36 -11.96 11.28
N LEU C 102 18.34 -11.36 10.09
CA LEU C 102 17.15 -10.69 9.62
C LEU C 102 16.67 -11.67 8.56
N ILE C 103 15.37 -11.90 8.50
CA ILE C 103 14.86 -12.80 7.47
C ILE C 103 14.21 -11.87 6.46
N VAL C 104 14.76 -11.89 5.24
CA VAL C 104 14.30 -11.03 4.17
C VAL C 104 13.73 -11.82 3.01
N SER C 105 12.79 -11.20 2.30
CA SER C 105 12.16 -11.81 1.16
C SER C 105 12.78 -11.22 -0.09
N THR C 106 13.45 -12.04 -0.88
CA THR C 106 14.05 -11.54 -2.10
C THR C 106 13.37 -12.15 -3.32
N THR C 107 13.75 -11.61 -4.45
CA THR C 107 13.22 -12.05 -5.73
C THR C 107 13.68 -13.49 -5.92
N GLN C 108 14.66 -13.91 -5.14
CA GLN C 108 15.17 -15.27 -5.25
C GLN C 108 14.70 -16.15 -4.10
N GLY C 109 13.69 -15.66 -3.38
CA GLY C 109 13.16 -16.43 -2.28
C GLY C 109 13.47 -15.82 -0.93
N VAL C 110 12.95 -16.46 0.11
CA VAL C 110 13.13 -16.03 1.49
C VAL C 110 14.44 -16.56 2.02
N SER C 112 18.13 -15.44 4.89
CA SER C 112 18.69 -14.56 5.91
C SER C 112 19.32 -13.37 5.21
N HIS C 113 19.46 -12.25 5.90
CA HIS C 113 20.07 -11.09 5.28
C HIS C 113 21.52 -11.39 4.93
N GLU C 114 22.16 -12.26 5.70
CA GLU C 114 23.55 -12.59 5.42
C GLU C 114 23.70 -13.28 4.08
N GLU C 115 22.72 -14.11 3.69
CA GLU C 115 22.80 -14.78 2.39
C GLU C 115 22.38 -13.82 1.28
N ALA C 116 21.50 -12.88 1.62
CA ALA C 116 21.03 -11.92 0.65
C ALA C 116 22.22 -11.04 0.27
N LYS C 117 23.01 -10.65 1.27
CA LYS C 117 24.19 -9.82 1.03
C LYS C 117 25.21 -10.63 0.23
N LYS C 118 25.48 -11.85 0.68
CA LYS C 118 26.41 -12.75 0.02
C LYS C 118 26.05 -12.86 -1.46
N ARG C 119 24.80 -12.54 -1.80
CA ARG C 119 24.35 -12.65 -3.19
C ARG C 119 24.02 -11.31 -3.84
N GLY C 120 24.27 -10.22 -3.13
CA GLY C 120 23.97 -8.92 -3.70
C GLY C 120 22.52 -8.67 -4.01
N LEU C 121 21.62 -9.18 -3.17
CA LEU C 121 20.20 -8.98 -3.37
C LEU C 121 19.62 -8.08 -2.30
N GLY C 122 18.67 -7.24 -2.72
CA GLY C 122 17.98 -6.37 -1.78
C GLY C 122 16.65 -7.08 -1.61
N GLY C 123 15.75 -6.55 -0.79
CA GLY C 123 14.48 -7.22 -0.63
C GLY C 123 13.55 -6.62 0.39
N ARG C 124 12.61 -7.42 0.88
CA ARG C 124 11.64 -6.98 1.87
C ARG C 124 11.90 -7.62 3.22
N LEU C 125 11.96 -6.80 4.27
CA LEU C 125 12.19 -7.33 5.61
C LEU C 125 10.92 -8.00 6.12
N LEU C 126 11.04 -9.24 6.64
CA LEU C 126 9.82 -9.87 7.15
C LEU C 126 9.95 -10.22 8.63
N ALA C 127 11.12 -10.54 9.14
CA ALA C 127 11.26 -10.88 10.55
C ALA C 127 12.70 -10.82 11.05
N TYR C 128 12.86 -11.01 12.36
CA TYR C 128 14.19 -11.03 12.98
C TYR C 128 14.24 -12.19 13.97
N VAL C 129 15.44 -12.67 14.26
CA VAL C 129 15.59 -13.79 15.18
C VAL C 129 16.97 -13.78 15.83
N TYR C 130 17.00 -13.79 17.16
CA TYR C 130 18.28 -13.81 17.86
C TYR C 130 18.18 -14.60 19.16
N MET D 4 -9.21 30.41 -22.60
CA MET D 4 -9.05 29.88 -21.22
C MET D 4 -9.36 28.38 -21.19
N ASP D 5 -9.47 27.83 -19.98
CA ASP D 5 -9.78 26.41 -19.80
C ASP D 5 -10.78 26.25 -18.66
N PRO D 6 -12.04 26.01 -19.01
CA PRO D 6 -13.10 25.84 -18.02
C PRO D 6 -12.86 24.77 -16.97
N LEU D 7 -12.27 23.64 -17.35
CA LEU D 7 -12.02 22.60 -16.37
C LEU D 7 -11.03 23.06 -15.30
N ALA D 8 -9.86 23.53 -15.71
CA ALA D 8 -8.84 24.02 -14.77
C ALA D 8 -9.42 25.06 -13.83
N ASN D 9 -10.25 25.92 -14.38
CA ASN D 9 -10.90 26.96 -13.62
C ASN D 9 -11.82 26.34 -12.57
N ALA D 10 -12.65 25.41 -13.04
CA ALA D 10 -13.61 24.73 -12.17
C ALA D 10 -12.89 24.07 -11.01
N LEU D 11 -11.79 23.37 -11.29
CA LEU D 11 -11.06 22.71 -10.23
C LEU D 11 -10.37 23.68 -9.27
N ASN D 12 -9.76 24.75 -9.79
CA ASN D 12 -9.09 25.72 -8.93
C ASN D 12 -10.07 26.39 -8.01
N HIS D 13 -11.25 26.68 -8.55
CA HIS D 13 -12.30 27.34 -7.77
C HIS D 13 -12.75 26.42 -6.64
N ILE D 14 -12.96 25.14 -6.96
CA ILE D 14 -13.38 24.19 -5.94
C ILE D 14 -12.28 24.08 -4.87
N SER D 15 -11.03 24.02 -5.32
CA SER D 15 -9.93 23.90 -4.39
C SER D 15 -9.84 25.07 -3.42
N ASN D 16 -9.89 26.29 -3.94
CA ASN D 16 -9.80 27.47 -3.08
C ASN D 16 -11.04 27.71 -2.22
N CYS D 17 -12.21 27.35 -2.72
CA CYS D 17 -13.42 27.54 -1.91
C CYS D 17 -13.46 26.52 -0.79
N GLU D 18 -12.65 25.47 -0.90
CA GLU D 18 -12.61 24.44 0.13
C GLU D 18 -11.66 24.95 1.23
N ARG D 19 -10.53 25.50 0.83
CA ARG D 19 -9.56 26.01 1.79
C ARG D 19 -10.19 27.03 2.72
N VAL D 20 -11.06 27.88 2.17
CA VAL D 20 -11.74 28.92 2.91
C VAL D 20 -12.90 28.39 3.76
N GLY D 21 -13.49 27.29 3.34
CA GLY D 21 -14.58 26.71 4.11
C GLY D 21 -15.97 26.81 3.54
N LYS D 22 -16.11 27.34 2.32
CA LYS D 22 -17.43 27.45 1.72
C LYS D 22 -18.10 26.07 1.67
N LYS D 23 -19.39 26.03 1.98
CA LYS D 23 -20.15 24.78 1.99
C LYS D 23 -20.82 24.53 0.63
N VAL D 24 -20.68 25.50 -0.26
CA VAL D 24 -21.25 25.41 -1.61
C VAL D 24 -20.38 26.25 -2.54
N VAL D 25 -20.32 25.87 -3.80
CA VAL D 25 -19.51 26.60 -4.76
C VAL D 25 -20.22 26.53 -6.11
N TYR D 26 -20.11 27.60 -6.89
CA TYR D 26 -20.75 27.66 -8.19
C TYR D 26 -19.73 27.64 -9.31
N ILE D 27 -19.78 26.60 -10.14
CA ILE D 27 -18.87 26.46 -11.26
C ILE D 27 -19.62 27.00 -12.45
N LYS D 28 -19.15 28.10 -13.03
CA LYS D 28 -19.87 28.66 -14.17
C LYS D 28 -19.76 27.83 -15.44
N PRO D 29 -18.63 27.91 -16.16
CA PRO D 29 -18.61 27.08 -17.36
C PRO D 29 -18.98 25.67 -16.96
N ALA D 30 -20.16 25.20 -17.34
CA ALA D 30 -20.61 23.86 -16.94
C ALA D 30 -20.70 22.85 -18.08
N SER D 31 -19.55 22.42 -18.58
CA SER D 31 -19.51 21.47 -19.67
C SER D 31 -19.87 20.06 -19.24
N LYS D 32 -19.98 19.17 -20.22
CA LYS D 32 -20.26 17.77 -19.98
C LYS D 32 -19.05 17.15 -19.31
N LEU D 33 -17.87 17.54 -19.79
CA LEU D 33 -16.63 17.02 -19.22
C LEU D 33 -16.62 17.33 -17.73
N ILE D 34 -16.83 18.58 -17.39
CA ILE D 34 -16.84 19.00 -15.99
C ILE D 34 -17.83 18.18 -15.16
N GLY D 35 -18.97 17.85 -15.76
CA GLY D 35 -19.96 17.07 -15.05
C GLY D 35 -19.44 15.66 -14.85
N ARG D 36 -18.73 15.14 -15.83
CA ARG D 36 -18.19 13.80 -15.72
C ARG D 36 -17.05 13.71 -14.70
N VAL D 37 -16.34 14.81 -14.52
CA VAL D 37 -15.25 14.84 -13.55
C VAL D 37 -15.83 14.99 -12.14
N LEU D 38 -16.84 15.83 -11.99
CA LEU D 38 -17.47 16.02 -10.68
C LEU D 38 -18.03 14.68 -10.21
N LYS D 39 -18.50 13.87 -11.15
CA LYS D 39 -19.07 12.58 -10.82
C LYS D 39 -18.02 11.69 -10.18
N VAL D 40 -16.85 11.62 -10.80
CA VAL D 40 -15.77 10.79 -10.28
C VAL D 40 -15.36 11.33 -8.91
N GLN D 42 -17.33 12.91 -6.78
CA GLN D 42 -18.39 12.62 -5.84
C GLN D 42 -18.31 11.14 -5.45
N ASP D 43 -18.15 10.29 -6.46
CA ASP D 43 -18.05 8.85 -6.25
C ASP D 43 -16.85 8.47 -5.36
N ASN D 44 -15.83 9.32 -5.32
CA ASN D 44 -14.66 9.04 -4.51
C ASN D 44 -14.67 9.82 -3.20
N GLY D 45 -15.84 10.32 -2.82
CA GLY D 45 -16.01 11.04 -1.57
C GLY D 45 -15.36 12.40 -1.37
N TYR D 46 -15.01 13.09 -2.45
CA TYR D 46 -14.39 14.39 -2.30
C TYR D 46 -15.35 15.57 -2.30
N ILE D 47 -16.53 15.38 -2.88
CA ILE D 47 -17.52 16.45 -2.91
C ILE D 47 -18.92 15.91 -2.66
N GLY D 48 -19.82 16.80 -2.25
CA GLY D 48 -21.19 16.41 -1.99
C GLY D 48 -22.04 16.35 -3.25
N GLU D 49 -23.33 16.62 -3.09
CA GLU D 49 -24.25 16.57 -4.20
C GLU D 49 -23.97 17.75 -5.12
N PHE D 50 -24.26 17.61 -6.40
CA PHE D 50 -24.03 18.71 -7.32
C PHE D 50 -25.12 18.71 -8.37
N GLU D 51 -25.58 19.89 -8.77
CA GLU D 51 -26.64 19.97 -9.77
C GLU D 51 -26.39 21.03 -10.83
N PHE D 52 -26.96 20.79 -12.00
CA PHE D 52 -26.85 21.69 -13.14
C PHE D 52 -27.94 22.75 -13.04
N ILE D 53 -27.55 24.01 -13.24
CA ILE D 53 -28.47 25.12 -13.16
C ILE D 53 -28.48 25.91 -14.47
N GLU D 54 -29.62 25.92 -15.14
CA GLU D 54 -29.75 26.63 -16.40
C GLU D 54 -29.51 28.12 -16.22
N ASP D 55 -28.69 28.70 -17.09
CA ASP D 55 -28.39 30.12 -17.00
C ASP D 55 -28.39 30.78 -18.37
N GLY D 56 -29.04 30.13 -19.34
CA GLY D 56 -29.12 30.66 -20.67
C GLY D 56 -27.87 30.52 -21.50
N ARG D 57 -26.71 30.47 -20.84
CA ARG D 57 -25.45 30.31 -21.56
C ARG D 57 -25.00 28.84 -21.50
N ALA D 58 -23.80 28.60 -20.96
CA ALA D 58 -23.26 27.23 -20.86
C ALA D 58 -23.74 26.44 -19.66
N GLY D 59 -24.51 27.08 -18.79
CA GLY D 59 -24.99 26.38 -17.61
C GLY D 59 -24.07 26.57 -16.43
N ILE D 60 -24.56 26.21 -15.24
CA ILE D 60 -23.79 26.36 -14.02
C ILE D 60 -23.88 25.09 -13.16
N PHE D 61 -22.79 24.75 -12.49
CA PHE D 61 -22.82 23.60 -11.60
C PHE D 61 -22.80 24.11 -10.17
N LYS D 62 -23.78 23.70 -9.39
CA LYS D 62 -23.86 24.08 -8.00
C LYS D 62 -23.30 22.85 -7.27
N VAL D 63 -22.10 22.98 -6.75
CA VAL D 63 -21.44 21.87 -6.06
C VAL D 63 -21.36 22.02 -4.54
N GLU D 64 -21.89 21.02 -3.84
CA GLU D 64 -21.92 20.98 -2.39
C GLU D 64 -20.55 20.52 -1.88
N LEU D 65 -19.88 21.34 -1.08
CA LEU D 65 -18.57 20.98 -0.55
C LEU D 65 -18.75 20.34 0.83
N ILE D 66 -17.89 19.38 1.15
CA ILE D 66 -18.00 18.71 2.44
C ILE D 66 -16.70 18.65 3.22
N GLY D 67 -15.86 19.67 3.02
CA GLY D 67 -14.59 19.76 3.74
C GLY D 67 -13.65 18.57 3.67
N LYS D 68 -13.69 17.83 2.57
CA LYS D 68 -12.83 16.67 2.42
C LYS D 68 -11.70 16.80 1.40
N ILE D 69 -11.52 17.98 0.81
CA ILE D 69 -10.47 18.17 -0.19
C ILE D 69 -9.31 19.00 0.35
N ASN D 70 -8.09 18.56 0.06
CA ASN D 70 -6.90 19.30 0.49
C ASN D 70 -6.51 20.17 -0.66
N LYS D 71 -6.58 19.58 -1.86
CA LYS D 71 -6.25 20.29 -3.07
C LYS D 71 -6.67 19.49 -4.30
N CYS D 72 -7.05 20.20 -5.36
CA CYS D 72 -7.43 19.56 -6.61
C CYS D 72 -7.23 20.57 -7.72
N GLY D 73 -6.74 20.10 -8.87
CA GLY D 73 -6.51 20.96 -10.00
C GLY D 73 -6.47 20.15 -11.27
N ALA D 74 -6.47 20.81 -12.42
CA ALA D 74 -6.43 20.13 -13.71
C ALA D 74 -5.01 19.74 -14.07
N ILE D 75 -4.87 18.75 -14.94
CA ILE D 75 -3.57 18.32 -15.39
C ILE D 75 -3.41 18.83 -16.81
N LYS D 76 -2.52 19.80 -16.99
CA LYS D 76 -2.27 20.36 -18.30
C LYS D 76 -0.80 20.08 -18.60
N PRO D 77 -0.51 19.51 -19.77
CA PRO D 77 -1.46 19.13 -20.82
C PRO D 77 -2.13 17.81 -20.44
N ARG D 78 -3.01 17.33 -21.29
CA ARG D 78 -3.70 16.07 -21.01
C ARG D 78 -2.88 14.86 -21.46
N PHE D 79 -1.86 14.57 -20.68
CA PHE D 79 -0.93 13.48 -20.93
C PHE D 79 -1.59 12.16 -21.30
N PRO D 80 -1.17 11.57 -22.41
CA PRO D 80 -1.73 10.28 -22.81
C PRO D 80 -0.89 9.24 -22.10
N VAL D 81 -1.51 8.37 -21.30
CA VAL D 81 -0.76 7.34 -20.60
C VAL D 81 -1.23 5.94 -20.92
N LYS D 82 -0.30 4.99 -20.85
CA LYS D 82 -0.61 3.59 -21.12
C LYS D 82 -1.00 2.85 -19.84
N LYS D 83 -1.56 1.65 -20.00
CA LYS D 83 -2.05 0.85 -18.87
C LYS D 83 -1.12 0.72 -17.66
N PHE D 84 0.19 0.85 -17.89
CA PHE D 84 1.15 0.75 -16.79
C PHE D 84 1.96 2.03 -16.64
N GLY D 85 1.43 3.16 -17.11
CA GLY D 85 2.19 4.39 -17.02
C GLY D 85 1.71 5.50 -16.11
N TYR D 86 0.97 5.15 -15.07
CA TYR D 86 0.45 6.16 -14.14
C TYR D 86 1.39 6.56 -13.01
N GLU D 87 2.33 5.67 -12.67
CA GLU D 87 3.29 5.90 -11.60
C GLU D 87 3.97 7.26 -11.60
N LYS D 88 4.51 7.63 -12.76
CA LYS D 88 5.18 8.91 -12.91
C LYS D 88 4.28 10.04 -12.43
N PHE D 89 3.05 10.07 -12.92
CA PHE D 89 2.11 11.12 -12.59
C PHE D 89 1.52 11.05 -11.19
N GLU D 90 1.39 9.84 -10.62
CA GLU D 90 0.89 9.74 -9.26
C GLU D 90 1.90 10.46 -8.36
N LYS D 91 3.17 10.16 -8.59
CA LYS D 91 4.24 10.76 -7.82
C LYS D 91 4.31 12.27 -8.02
N ARG D 92 3.97 12.74 -9.22
CA ARG D 92 4.03 14.17 -9.47
C ARG D 92 2.91 14.95 -8.80
N TYR D 93 1.68 14.47 -8.91
CA TYR D 93 0.52 15.18 -8.35
C TYR D 93 0.00 14.76 -6.99
N LEU D 94 0.19 13.49 -6.63
CA LEU D 94 -0.33 13.01 -5.37
C LEU D 94 0.68 12.99 -4.23
N PRO D 95 0.22 13.22 -3.00
CA PRO D 95 1.07 13.24 -1.80
C PRO D 95 1.78 11.92 -1.59
N ALA D 96 1.11 10.84 -1.96
CA ALA D 96 1.69 9.52 -1.79
C ALA D 96 0.78 8.46 -2.38
N ARG D 97 1.37 7.31 -2.67
CA ARG D 97 0.69 6.16 -3.25
C ARG D 97 -0.81 6.03 -2.97
N ASP D 98 -1.18 5.94 -1.70
CA ASP D 98 -2.59 5.77 -1.30
C ASP D 98 -3.28 7.06 -0.84
N PHE D 99 -2.76 8.20 -1.26
CA PHE D 99 -3.31 9.49 -0.87
C PHE D 99 -3.87 10.25 -2.08
N GLY D 100 -5.18 10.12 -2.32
CA GLY D 100 -5.80 10.81 -3.43
C GLY D 100 -5.84 10.05 -4.74
N ILE D 101 -6.34 10.71 -5.79
CA ILE D 101 -6.47 10.07 -7.10
C ILE D 101 -6.20 10.95 -8.32
N LEU D 102 -6.07 10.29 -9.46
CA LEU D 102 -5.87 10.97 -10.73
C LEU D 102 -7.16 10.67 -11.48
N ILE D 103 -7.71 11.66 -12.18
CA ILE D 103 -8.93 11.43 -12.95
C ILE D 103 -8.50 11.31 -14.40
N VAL D 104 -8.85 10.18 -15.00
CA VAL D 104 -8.44 9.86 -16.37
C VAL D 104 -9.58 9.73 -17.36
N SER D 105 -9.34 10.16 -18.59
CA SER D 105 -10.36 10.02 -19.60
C SER D 105 -9.97 8.81 -20.42
N THR D 106 -10.76 7.75 -20.31
CA THR D 106 -10.45 6.55 -21.06
C THR D 106 -11.50 6.35 -22.11
N THR D 107 -11.28 5.34 -22.91
CA THR D 107 -12.16 4.99 -23.98
C THR D 107 -13.50 4.50 -23.42
N GLN D 108 -13.51 4.10 -22.15
CA GLN D 108 -14.73 3.63 -21.53
C GLN D 108 -15.28 4.68 -20.58
N GLY D 109 -14.91 5.94 -20.82
CA GLY D 109 -15.37 7.02 -19.99
C GLY D 109 -14.32 7.58 -19.04
N VAL D 110 -14.73 8.56 -18.26
CA VAL D 110 -13.88 9.22 -17.28
C VAL D 110 -13.98 8.46 -15.95
N SER D 112 -11.36 7.23 -12.08
CA SER D 112 -10.13 7.42 -11.31
C SER D 112 -9.11 6.47 -11.93
N HIS D 113 -7.83 6.76 -11.77
CA HIS D 113 -6.81 5.89 -12.35
C HIS D 113 -6.82 4.51 -11.69
N GLU D 114 -7.27 4.43 -10.43
CA GLU D 114 -7.37 3.16 -9.73
C GLU D 114 -8.27 2.24 -10.54
N GLU D 115 -9.38 2.78 -11.01
CA GLU D 115 -10.32 2.03 -11.82
C GLU D 115 -9.71 1.70 -13.18
N ALA D 116 -9.05 2.68 -13.78
CA ALA D 116 -8.44 2.46 -15.09
C ALA D 116 -7.41 1.34 -15.02
N LYS D 117 -6.60 1.33 -13.97
CA LYS D 117 -5.59 0.30 -13.82
C LYS D 117 -6.22 -1.08 -13.58
N LYS D 118 -7.39 -1.13 -12.94
CA LYS D 118 -8.04 -2.41 -12.70
C LYS D 118 -8.56 -2.97 -14.01
N ARG D 119 -8.98 -2.09 -14.90
CA ARG D 119 -9.49 -2.51 -16.20
C ARG D 119 -8.41 -2.60 -17.27
N GLY D 120 -7.17 -2.29 -16.92
CA GLY D 120 -6.10 -2.35 -17.90
C GLY D 120 -6.28 -1.33 -19.03
N LEU D 121 -6.69 -0.12 -18.68
CA LEU D 121 -6.89 0.93 -19.67
C LEU D 121 -5.90 2.08 -19.57
N GLY D 122 -5.49 2.58 -20.73
CA GLY D 122 -4.63 3.73 -20.79
C GLY D 122 -5.62 4.89 -20.93
N GLY D 123 -5.16 6.09 -21.21
CA GLY D 123 -6.09 7.21 -21.35
C GLY D 123 -5.39 8.55 -21.31
N ARG D 124 -6.15 9.63 -21.15
CA ARG D 124 -5.59 10.99 -21.08
C ARG D 124 -5.87 11.52 -19.69
N LEU D 125 -4.83 11.93 -18.96
CA LEU D 125 -5.05 12.45 -17.61
C LEU D 125 -5.82 13.75 -17.65
N LEU D 126 -6.81 13.90 -16.77
CA LEU D 126 -7.66 15.09 -16.74
C LEU D 126 -7.39 15.94 -15.51
N ALA D 127 -7.31 15.33 -14.33
CA ALA D 127 -7.11 16.07 -13.10
C ALA D 127 -6.53 15.24 -11.96
N TYR D 128 -6.42 15.85 -10.80
CA TYR D 128 -5.93 15.18 -9.62
C TYR D 128 -6.73 15.69 -8.44
N VAL D 129 -6.91 14.86 -7.43
CA VAL D 129 -7.66 15.26 -6.24
C VAL D 129 -7.15 14.51 -5.03
N TYR D 130 -6.93 15.23 -3.94
CA TYR D 130 -6.47 14.60 -2.71
C TYR D 130 -6.84 15.44 -1.49
#